data_2JIE
#
_entry.id   2JIE
#
_cell.length_a   71.236
_cell.length_b   74.647
_cell.length_c   88.754
_cell.angle_alpha   90.00
_cell.angle_beta   90.00
_cell.angle_gamma   90.00
#
_symmetry.space_group_name_H-M   'P 21 21 21'
#
loop_
_entity.id
_entity.type
_entity.pdbx_description
1 polymer 'BETA-GLUCOSIDASE B'
2 non-polymer 2-deoxy-2-fluoro-alpha-D-glucopyranose
3 water water
#
_entity_poly.entity_id   1
_entity_poly.type   'polypeptide(L)'
_entity_poly.pdbx_seq_one_letter_code
;MHHHHHHSENTFIFPATFMWGTSTSSYQIEGGTDEGGRTPSIWDTFCQIPGKVIGGDCGDVACDHFHHFKEDVQLMKQLG
FLHYRFSVAWPRIMPAAGIINEEGLLFYEHLLDEIELAGLIPMLTLYHWDLPQWIEDEGGWTQRETIQHFKTYASVIMDR
FGERINWWNTINEPYCASILGYGTGEHAPGHENWREAFTAAHHILMCHGIASNLHKEKGLTGKIGITLNMEHVDAASERP
EDVAAAIRRDGFINRWFAEPLFNGKYPEDMVEWYGTYLNGLDFVQPGDMELIQQPGDFLGINYYTRSIIRSTNDASLLQV
EQVHMEEPVTDMGWEIHPESFYKLLTRIEKDFSKGLPILITENGAAMRDELVNGQIEDTGRHGYIEEHLKACHRFIEEGG
QLKGYFVWSFLDNFEWAWGYSKRFGIVHINYETQERTPKQSALWFKQMMAKNGF
;
_entity_poly.pdbx_strand_id   A
#
loop_
_chem_comp.id
_chem_comp.type
_chem_comp.name
_chem_comp.formula
G2F D-saccharide, alpha linking 2-deoxy-2-fluoro-alpha-D-glucopyranose 'C6 H11 F O5'
#
# COMPACT_ATOMS: atom_id res chain seq x y z
N ASN A 10 -7.32 23.87 -22.27
CA ASN A 10 -7.68 22.67 -21.45
C ASN A 10 -6.39 21.98 -21.05
N THR A 11 -5.72 22.54 -20.05
CA THR A 11 -4.45 22.01 -19.57
C THR A 11 -4.48 21.82 -18.06
N PHE A 12 -3.62 20.96 -17.53
CA PHE A 12 -3.59 20.71 -16.09
C PHE A 12 -2.18 20.85 -15.51
N ILE A 13 -1.86 22.04 -15.02
CA ILE A 13 -0.55 22.28 -14.44
C ILE A 13 -0.63 22.10 -12.91
N PHE A 14 0.15 21.15 -12.41
CA PHE A 14 0.15 20.88 -10.96
C PHE A 14 1.01 21.85 -10.19
N PRO A 15 0.82 21.90 -8.87
CA PRO A 15 1.60 22.80 -8.01
C PRO A 15 3.09 22.81 -8.31
N ALA A 16 3.76 23.84 -7.80
CA ALA A 16 5.19 23.99 -8.00
C ALA A 16 5.93 22.96 -7.15
N THR A 17 5.35 22.62 -6.02
CA THR A 17 6.00 21.66 -5.13
C THR A 17 5.35 20.28 -5.07
N PHE A 18 4.53 19.96 -6.07
CA PHE A 18 3.87 18.66 -6.08
C PHE A 18 4.94 17.56 -6.19
N MET A 19 4.96 16.66 -5.22
CA MET A 19 5.94 15.58 -5.23
C MET A 19 5.51 14.44 -6.16
N TRP A 20 6.33 14.18 -7.19
CA TRP A 20 6.07 13.12 -8.15
C TRP A 20 7.05 11.97 -7.87
N GLY A 21 6.52 10.76 -7.81
CA GLY A 21 7.37 9.62 -7.55
C GLY A 21 6.76 8.31 -8.03
N THR A 22 7.46 7.23 -7.73
CA THR A 22 7.02 5.89 -8.10
C THR A 22 7.19 5.05 -6.83
N SER A 23 6.36 4.01 -6.72
CA SER A 23 6.37 3.13 -5.54
C SER A 23 6.53 1.66 -5.91
N THR A 24 7.07 0.89 -4.96
CA THR A 24 7.25 -0.56 -5.12
C THR A 24 7.19 -1.14 -3.71
N SER A 25 7.37 -2.45 -3.62
CA SER A 25 7.29 -3.13 -2.36
C SER A 25 8.41 -4.18 -2.35
N SER A 26 9.01 -4.39 -1.17
CA SER A 26 10.14 -5.31 -1.01
C SER A 26 9.89 -6.75 -1.50
N TYR A 27 8.86 -7.40 -0.98
CA TYR A 27 8.60 -8.77 -1.44
C TYR A 27 8.18 -8.79 -2.91
N GLN A 28 7.46 -7.77 -3.36
CA GLN A 28 7.02 -7.74 -4.75
C GLN A 28 8.10 -7.58 -5.80
N ILE A 29 9.29 -7.10 -5.44
CA ILE A 29 10.31 -6.93 -6.47
C ILE A 29 11.72 -7.52 -6.22
N GLU A 30 12.15 -7.45 -4.97
CA GLU A 30 13.47 -7.89 -4.54
C GLU A 30 14.03 -9.26 -4.93
N GLY A 31 13.25 -10.32 -4.77
CA GLY A 31 13.81 -11.64 -5.06
C GLY A 31 14.80 -11.87 -3.92
N GLY A 32 15.85 -12.66 -4.17
CA GLY A 32 16.86 -12.92 -3.14
C GLY A 32 16.28 -13.39 -1.83
N THR A 33 15.23 -14.21 -1.91
CA THR A 33 14.55 -14.71 -0.72
C THR A 33 15.35 -15.46 0.35
N ASP A 34 16.37 -16.21 -0.07
CA ASP A 34 17.20 -16.95 0.86
C ASP A 34 18.64 -16.45 0.76
N GLU A 35 18.83 -15.17 0.42
CA GLU A 35 20.17 -14.61 0.31
C GLU A 35 20.37 -13.52 1.36
N GLY A 36 21.63 -13.26 1.70
CA GLY A 36 21.94 -12.22 2.68
C GLY A 36 21.34 -12.45 4.04
N GLY A 37 21.11 -13.72 4.37
CA GLY A 37 20.54 -14.06 5.65
C GLY A 37 19.04 -13.93 5.77
N ARG A 38 18.35 -13.52 4.72
CA ARG A 38 16.90 -13.39 4.80
C ARG A 38 16.22 -14.73 5.04
N THR A 39 15.27 -14.74 5.98
CA THR A 39 14.52 -15.96 6.28
C THR A 39 13.13 -15.79 5.66
N PRO A 40 12.37 -16.88 5.55
CA PRO A 40 11.03 -16.81 4.96
C PRO A 40 10.03 -15.86 5.62
N SER A 41 9.28 -15.15 4.77
CA SER A 41 8.25 -14.23 5.24
C SER A 41 6.95 -15.00 5.14
N ILE A 42 5.85 -14.46 5.65
CA ILE A 42 4.58 -15.16 5.58
C ILE A 42 4.11 -15.43 4.16
N TRP A 43 4.43 -14.56 3.21
CA TRP A 43 4.00 -14.79 1.83
C TRP A 43 4.75 -15.95 1.15
N ASP A 44 5.94 -16.27 1.65
CA ASP A 44 6.73 -17.37 1.07
C ASP A 44 6.07 -18.68 1.46
N THR A 45 5.41 -18.67 2.61
CA THR A 45 4.72 -19.87 3.06
C THR A 45 3.39 -19.88 2.31
N PHE A 46 2.71 -18.74 2.33
CA PHE A 46 1.42 -18.56 1.68
C PHE A 46 1.34 -18.90 0.19
N CYS A 47 2.32 -18.46 -0.59
CA CYS A 47 2.34 -18.68 -2.02
C CYS A 47 2.47 -20.16 -2.36
N GLN A 48 2.81 -20.95 -1.35
CA GLN A 48 2.97 -22.38 -1.54
C GLN A 48 1.69 -23.19 -1.38
N ILE A 49 0.65 -22.59 -0.80
CA ILE A 49 -0.61 -23.30 -0.62
C ILE A 49 -1.39 -23.36 -1.92
N PRO A 50 -1.69 -24.57 -2.41
CA PRO A 50 -2.44 -24.69 -3.67
C PRO A 50 -3.73 -23.88 -3.77
N GLY A 51 -3.83 -23.07 -4.82
CA GLY A 51 -5.01 -22.27 -5.03
C GLY A 51 -5.00 -20.89 -4.38
N LYS A 52 -3.93 -20.53 -3.70
CA LYS A 52 -3.90 -19.21 -3.05
C LYS A 52 -3.43 -18.09 -3.98
N VAL A 53 -2.53 -18.43 -4.90
CA VAL A 53 -1.97 -17.47 -5.84
C VAL A 53 -2.01 -18.03 -7.25
N ILE A 54 -2.50 -17.24 -8.21
CA ILE A 54 -2.58 -17.70 -9.58
C ILE A 54 -1.30 -18.36 -10.08
N GLY A 55 -1.47 -19.49 -10.74
CA GLY A 55 -0.36 -20.25 -11.27
C GLY A 55 0.63 -20.71 -10.21
N GLY A 56 0.25 -20.59 -8.94
CA GLY A 56 1.14 -21.01 -7.87
C GLY A 56 2.39 -20.17 -7.78
N ASP A 57 2.37 -18.99 -8.40
CA ASP A 57 3.51 -18.08 -8.36
C ASP A 57 3.91 -17.71 -6.95
N CYS A 58 5.21 -17.48 -6.78
CA CYS A 58 5.79 -17.10 -5.51
C CYS A 58 6.65 -15.86 -5.70
N GLY A 59 7.17 -15.31 -4.60
CA GLY A 59 7.97 -14.10 -4.67
C GLY A 59 9.44 -14.43 -4.90
N ASP A 60 9.65 -15.67 -5.31
CA ASP A 60 10.98 -16.18 -5.59
C ASP A 60 11.53 -15.48 -6.83
N VAL A 61 12.64 -14.78 -6.64
CA VAL A 61 13.31 -14.01 -7.69
C VAL A 61 12.56 -12.70 -8.00
N ALA A 62 11.29 -12.81 -8.36
CA ALA A 62 10.49 -11.65 -8.69
C ALA A 62 11.24 -10.86 -9.77
N CYS A 63 11.45 -9.55 -9.54
CA CYS A 63 12.17 -8.69 -10.49
C CYS A 63 13.65 -8.74 -10.19
N ASP A 64 14.00 -9.43 -9.10
CA ASP A 64 15.40 -9.56 -8.70
C ASP A 64 16.04 -8.19 -8.42
N HIS A 65 15.25 -7.27 -7.86
CA HIS A 65 15.73 -5.94 -7.54
C HIS A 65 16.91 -6.01 -6.56
N PHE A 66 16.99 -7.13 -5.83
CA PHE A 66 18.09 -7.35 -4.88
C PHE A 66 19.42 -7.30 -5.64
N HIS A 67 19.44 -7.71 -6.91
CA HIS A 67 20.68 -7.66 -7.66
C HIS A 67 20.76 -6.52 -8.70
N HIS A 68 19.61 -6.07 -9.20
CA HIS A 68 19.54 -5.01 -10.23
C HIS A 68 19.16 -3.63 -9.68
N PHE A 69 19.25 -3.45 -8.36
CA PHE A 69 18.85 -2.19 -7.76
C PHE A 69 19.61 -0.93 -8.21
N LYS A 70 20.92 -1.04 -8.40
CA LYS A 70 21.74 0.10 -8.83
C LYS A 70 21.26 0.63 -10.19
N GLU A 71 20.92 -0.29 -11.08
CA GLU A 71 20.44 0.07 -12.40
C GLU A 71 19.02 0.64 -12.29
N ASP A 72 18.16 -0.03 -11.52
CA ASP A 72 16.79 0.43 -11.34
C ASP A 72 16.71 1.88 -10.83
N VAL A 73 17.50 2.21 -9.80
CA VAL A 73 17.48 3.57 -9.27
C VAL A 73 17.99 4.54 -10.35
N GLN A 74 19.04 4.12 -11.08
CA GLN A 74 19.59 4.93 -12.16
C GLN A 74 18.51 5.10 -13.22
N LEU A 75 17.82 4.02 -13.52
CA LEU A 75 16.77 4.06 -14.53
C LEU A 75 15.65 5.00 -14.10
N MET A 76 15.49 5.18 -12.79
CA MET A 76 14.45 6.07 -12.28
C MET A 76 14.81 7.51 -12.62
N LYS A 77 16.05 7.89 -12.28
CA LYS A 77 16.56 9.24 -12.52
C LYS A 77 16.31 9.69 -13.96
N GLN A 78 16.80 8.88 -14.89
CA GLN A 78 16.67 9.21 -16.31
C GLN A 78 15.20 9.25 -16.71
N LEU A 79 14.35 8.62 -15.92
CA LEU A 79 12.94 8.60 -16.22
C LEU A 79 12.27 9.89 -15.76
N GLY A 80 12.99 10.70 -14.99
CA GLY A 80 12.48 11.97 -14.52
C GLY A 80 11.94 12.03 -13.10
N PHE A 81 12.00 10.91 -12.38
CA PHE A 81 11.50 10.85 -11.02
C PHE A 81 12.41 11.45 -9.94
N LEU A 82 11.82 12.14 -8.98
CA LEU A 82 12.58 12.75 -7.89
C LEU A 82 12.33 12.07 -6.53
N HIS A 83 11.22 11.33 -6.44
CA HIS A 83 10.82 10.64 -5.21
C HIS A 83 10.63 9.16 -5.46
N TYR A 84 11.04 8.34 -4.50
CA TYR A 84 10.91 6.90 -4.63
C TYR A 84 10.49 6.26 -3.30
N ARG A 85 9.30 5.65 -3.29
CA ARG A 85 8.79 4.98 -2.08
C ARG A 85 9.05 3.48 -2.18
N PHE A 86 9.75 2.95 -1.20
CA PHE A 86 10.03 1.53 -1.18
C PHE A 86 9.71 1.02 0.21
N SER A 87 9.85 -0.27 0.40
CA SER A 87 9.57 -0.81 1.71
C SER A 87 10.75 -1.70 2.13
N VAL A 88 10.90 -1.90 3.43
CA VAL A 88 11.99 -2.72 3.94
C VAL A 88 11.44 -4.09 4.31
N ALA A 89 12.14 -5.14 3.89
CA ALA A 89 11.75 -6.51 4.17
C ALA A 89 12.16 -6.88 5.60
N TRP A 90 11.15 -6.98 6.46
CA TRP A 90 11.33 -7.33 7.86
C TRP A 90 12.15 -8.63 8.02
N PRO A 91 11.85 -9.65 7.19
CA PRO A 91 12.57 -10.93 7.26
C PRO A 91 14.05 -10.76 6.92
N ARG A 92 14.38 -9.65 6.27
CA ARG A 92 15.77 -9.37 5.89
C ARG A 92 16.51 -8.68 7.03
N ILE A 93 15.76 -8.08 7.97
CA ILE A 93 16.38 -7.38 9.09
C ILE A 93 16.31 -8.19 10.39
N MET A 94 15.17 -8.81 10.64
CA MET A 94 14.99 -9.63 11.85
C MET A 94 14.67 -11.06 11.43
N PRO A 95 15.64 -11.77 10.87
CA PRO A 95 15.44 -13.16 10.43
C PRO A 95 15.03 -14.10 11.55
N ALA A 96 15.21 -13.66 12.79
CA ALA A 96 14.86 -14.47 13.96
C ALA A 96 14.66 -13.59 15.18
N ALA A 97 14.15 -14.18 16.26
CA ALA A 97 13.92 -13.43 17.49
C ALA A 97 15.21 -12.74 17.96
N GLY A 98 15.17 -11.41 17.98
CA GLY A 98 16.31 -10.61 18.40
C GLY A 98 17.68 -11.01 17.88
N ILE A 99 18.01 -10.62 16.65
CA ILE A 99 19.33 -10.96 16.12
C ILE A 99 19.99 -9.86 15.28
N ILE A 100 19.18 -9.04 14.62
CA ILE A 100 19.70 -7.96 13.79
C ILE A 100 20.71 -8.46 12.77
N ASN A 101 20.25 -8.56 11.52
CA ASN A 101 21.08 -9.03 10.41
C ASN A 101 21.78 -7.87 9.69
N GLU A 102 23.05 -7.65 10.00
CA GLU A 102 23.85 -6.59 9.40
C GLU A 102 23.82 -6.61 7.89
N GLU A 103 23.88 -7.82 7.34
CA GLU A 103 23.87 -7.99 5.89
C GLU A 103 22.59 -7.43 5.26
N GLY A 104 21.52 -7.39 6.04
CA GLY A 104 20.26 -6.85 5.54
C GLY A 104 20.19 -5.34 5.68
N LEU A 105 20.59 -4.85 6.84
CA LEU A 105 20.59 -3.41 7.05
C LEU A 105 21.54 -2.84 6.00
N LEU A 106 22.50 -3.66 5.58
CA LEU A 106 23.43 -3.20 4.57
C LEU A 106 22.83 -3.06 3.17
N PHE A 107 21.97 -3.99 2.79
CA PHE A 107 21.38 -3.92 1.45
C PHE A 107 20.62 -2.59 1.21
N TYR A 108 19.86 -2.18 2.20
CA TYR A 108 19.10 -0.95 2.11
C TYR A 108 20.02 0.27 2.18
N GLU A 109 21.14 0.10 2.87
CA GLU A 109 22.11 1.19 2.99
C GLU A 109 22.66 1.49 1.60
N HIS A 110 23.20 0.45 0.94
CA HIS A 110 23.74 0.61 -0.40
C HIS A 110 22.65 1.14 -1.34
N LEU A 111 21.41 0.70 -1.09
CA LEU A 111 20.28 1.17 -1.90
C LEU A 111 20.11 2.68 -1.72
N LEU A 112 20.24 3.13 -0.47
CA LEU A 112 20.10 4.55 -0.16
C LEU A 112 21.22 5.37 -0.77
N ASP A 113 22.39 4.76 -0.86
CA ASP A 113 23.56 5.42 -1.44
C ASP A 113 23.24 5.80 -2.87
N GLU A 114 22.67 4.83 -3.59
CA GLU A 114 22.29 5.02 -4.97
C GLU A 114 21.18 6.05 -5.11
N ILE A 115 20.19 5.98 -4.22
CA ILE A 115 19.07 6.92 -4.22
C ILE A 115 19.62 8.35 -4.17
N GLU A 116 20.47 8.60 -3.19
CA GLU A 116 21.07 9.91 -3.04
C GLU A 116 22.06 10.24 -4.16
N LEU A 117 22.84 9.24 -4.56
CA LEU A 117 23.81 9.45 -5.63
C LEU A 117 23.11 9.93 -6.89
N ALA A 118 21.92 9.40 -7.12
CA ALA A 118 21.12 9.74 -8.28
C ALA A 118 20.40 11.06 -8.04
N GLY A 119 20.31 11.47 -6.79
CA GLY A 119 19.67 12.74 -6.47
C GLY A 119 18.18 12.65 -6.24
N LEU A 120 17.74 11.53 -5.65
CA LEU A 120 16.33 11.34 -5.37
C LEU A 120 16.01 11.41 -3.87
N ILE A 121 14.73 11.63 -3.60
CA ILE A 121 14.19 11.76 -2.25
C ILE A 121 13.41 10.50 -1.94
N PRO A 122 13.92 9.68 -1.01
CA PRO A 122 13.26 8.44 -0.62
C PRO A 122 12.16 8.53 0.43
N MET A 123 11.30 7.52 0.41
CA MET A 123 10.22 7.37 1.36
C MET A 123 10.31 5.90 1.75
N LEU A 124 10.71 5.64 3.00
CA LEU A 124 10.83 4.28 3.48
C LEU A 124 9.55 3.82 4.19
N THR A 125 8.88 2.82 3.60
CA THR A 125 7.67 2.21 4.16
C THR A 125 8.16 1.12 5.09
N LEU A 126 7.77 1.16 6.36
CA LEU A 126 8.19 0.15 7.34
C LEU A 126 7.57 -1.25 7.14
N TYR A 127 6.25 -1.31 7.10
CA TYR A 127 5.58 -2.59 6.93
C TYR A 127 4.70 -2.72 5.70
N HIS A 128 5.08 -3.64 4.82
CA HIS A 128 4.30 -3.84 3.62
C HIS A 128 3.92 -5.30 3.38
N TRP A 129 3.32 -5.90 4.42
CA TRP A 129 2.77 -7.25 4.44
C TRP A 129 3.70 -8.47 4.51
N ASP A 130 5.01 -8.25 4.45
CA ASP A 130 5.96 -9.36 4.48
C ASP A 130 6.53 -9.72 5.87
N LEU A 131 5.60 -10.01 6.77
CA LEU A 131 5.90 -10.38 8.14
C LEU A 131 6.72 -11.66 8.19
N PRO A 132 7.73 -11.69 9.07
CA PRO A 132 8.61 -12.85 9.24
C PRO A 132 7.77 -14.07 9.64
N GLN A 133 7.96 -15.18 8.93
CA GLN A 133 7.22 -16.38 9.26
C GLN A 133 7.45 -16.81 10.70
N TRP A 134 8.66 -16.59 11.23
CA TRP A 134 8.90 -17.00 12.62
C TRP A 134 7.99 -16.21 13.53
N ILE A 135 7.54 -15.05 13.09
CA ILE A 135 6.63 -14.29 13.94
C ILE A 135 5.22 -14.84 13.86
N GLU A 136 4.83 -15.30 12.68
CA GLU A 136 3.49 -15.86 12.45
C GLU A 136 3.38 -17.16 13.22
N ASP A 137 4.52 -17.78 13.48
CA ASP A 137 4.57 -19.02 14.23
C ASP A 137 4.10 -18.80 15.66
N GLU A 138 4.46 -17.65 16.23
CA GLU A 138 4.05 -17.31 17.58
C GLU A 138 2.59 -16.89 17.61
N GLY A 139 1.97 -16.74 16.44
CA GLY A 139 0.57 -16.31 16.38
C GLY A 139 0.42 -15.12 15.46
N GLY A 140 1.54 -14.58 15.01
CA GLY A 140 1.53 -13.44 14.11
C GLY A 140 0.84 -12.20 14.64
N TRP A 141 0.04 -11.56 13.78
CA TRP A 141 -0.65 -10.35 14.18
C TRP A 141 -1.76 -10.52 15.22
N THR A 142 -2.12 -11.76 15.56
CA THR A 142 -3.17 -11.97 16.55
C THR A 142 -2.63 -11.86 17.97
N GLN A 143 -1.33 -11.59 18.12
CA GLN A 143 -0.73 -11.50 19.44
C GLN A 143 -0.16 -10.11 19.75
N ARG A 144 -0.51 -9.56 20.92
CA ARG A 144 0.00 -8.24 21.31
C ARG A 144 1.52 -8.22 21.25
N GLU A 145 2.13 -9.32 21.71
CA GLU A 145 3.58 -9.42 21.74
C GLU A 145 4.23 -9.11 20.39
N THR A 146 3.50 -9.34 19.29
CA THR A 146 4.03 -9.05 17.96
C THR A 146 4.26 -7.55 17.82
N ILE A 147 3.52 -6.78 18.59
CA ILE A 147 3.70 -5.34 18.53
C ILE A 147 5.07 -5.00 19.09
N GLN A 148 5.53 -5.79 20.05
CA GLN A 148 6.83 -5.55 20.65
C GLN A 148 7.92 -5.86 19.61
N HIS A 149 7.74 -6.97 18.88
CA HIS A 149 8.69 -7.35 17.83
C HIS A 149 8.79 -6.24 16.78
N PHE A 150 7.69 -5.54 16.51
CA PHE A 150 7.70 -4.47 15.52
C PHE A 150 8.49 -3.28 16.06
N LYS A 151 8.34 -3.02 17.35
CA LYS A 151 9.03 -1.91 18.00
C LYS A 151 10.53 -2.13 17.82
N THR A 152 10.96 -3.37 18.05
CA THR A 152 12.35 -3.72 17.91
C THR A 152 12.82 -3.36 16.50
N TYR A 153 12.11 -3.90 15.51
CA TYR A 153 12.37 -3.69 14.09
C TYR A 153 12.38 -2.19 13.74
N ALA A 154 11.34 -1.48 14.14
CA ALA A 154 11.24 -0.08 13.84
C ALA A 154 12.37 0.76 14.48
N SER A 155 12.79 0.43 15.70
CA SER A 155 13.88 1.19 16.33
C SER A 155 15.18 1.03 15.54
N VAL A 156 15.61 -0.21 15.32
CA VAL A 156 16.83 -0.50 14.56
C VAL A 156 16.90 0.31 13.26
N ILE A 157 15.83 0.25 12.48
CA ILE A 157 15.81 0.99 11.21
C ILE A 157 15.84 2.50 11.40
N MET A 158 15.21 3.00 12.45
CA MET A 158 15.21 4.45 12.69
C MET A 158 16.56 4.97 13.16
N ASP A 159 17.27 4.15 13.92
CA ASP A 159 18.58 4.53 14.43
C ASP A 159 19.65 4.32 13.37
N ARG A 160 19.53 3.23 12.63
CA ARG A 160 20.49 2.92 11.59
C ARG A 160 20.39 3.95 10.47
N PHE A 161 19.25 4.62 10.40
CA PHE A 161 19.04 5.66 9.40
C PHE A 161 18.42 6.83 10.14
N GLY A 162 17.31 7.35 9.63
CA GLY A 162 16.66 8.48 10.28
C GLY A 162 17.29 9.79 9.83
N GLU A 163 18.61 9.80 9.75
CA GLU A 163 19.33 10.99 9.32
C GLU A 163 19.42 11.08 7.80
N ARG A 164 18.65 10.23 7.12
CA ARG A 164 18.66 10.22 5.67
C ARG A 164 17.27 9.96 5.09
N ILE A 165 16.28 9.86 5.97
CA ILE A 165 14.91 9.62 5.52
C ILE A 165 14.04 10.87 5.65
N ASN A 166 13.54 11.35 4.52
CA ASN A 166 12.70 12.55 4.48
C ASN A 166 11.22 12.23 4.77
N TRP A 167 10.81 10.99 4.46
CA TRP A 167 9.44 10.58 4.70
C TRP A 167 9.32 9.16 5.21
N TRP A 168 8.56 9.00 6.29
CA TRP A 168 8.34 7.69 6.86
C TRP A 168 6.89 7.30 6.62
N ASN A 169 6.71 6.10 6.10
CA ASN A 169 5.40 5.53 5.81
C ASN A 169 5.30 4.36 6.77
N THR A 170 4.59 4.51 7.86
CA THR A 170 4.52 3.43 8.84
C THR A 170 3.97 2.11 8.30
N ILE A 171 2.65 2.03 8.14
CA ILE A 171 2.02 0.82 7.64
C ILE A 171 1.35 1.10 6.30
N ASN A 172 1.52 0.18 5.36
CA ASN A 172 0.87 0.31 4.06
C ASN A 172 -0.35 -0.58 4.16
N GLU A 173 -1.51 0.03 3.97
CA GLU A 173 -2.81 -0.64 3.97
C GLU A 173 -3.12 -1.68 5.04
N PRO A 174 -3.35 -1.24 6.29
CA PRO A 174 -3.67 -2.12 7.42
C PRO A 174 -4.88 -3.03 7.12
N TYR A 175 -5.77 -2.56 6.25
CA TYR A 175 -6.96 -3.30 5.88
C TYR A 175 -6.68 -4.64 5.19
N CYS A 176 -5.73 -4.65 4.25
CA CYS A 176 -5.34 -5.86 3.54
C CYS A 176 -4.68 -6.87 4.44
N ALA A 177 -3.69 -6.41 5.19
CA ALA A 177 -2.96 -7.30 6.09
C ALA A 177 -3.77 -7.92 7.21
N SER A 178 -4.88 -7.29 7.58
CA SER A 178 -5.72 -7.82 8.64
C SER A 178 -6.98 -8.52 8.10
N ILE A 179 -7.84 -7.76 7.43
CA ILE A 179 -9.09 -8.29 6.86
C ILE A 179 -8.82 -9.45 5.90
N LEU A 180 -7.95 -9.25 4.91
CA LEU A 180 -7.64 -10.28 3.93
C LEU A 180 -6.67 -11.36 4.39
N GLY A 181 -5.81 -11.02 5.34
CA GLY A 181 -4.82 -11.97 5.85
C GLY A 181 -5.34 -12.95 6.87
N TYR A 182 -6.24 -12.51 7.75
CA TYR A 182 -6.79 -13.42 8.75
C TYR A 182 -8.29 -13.65 8.62
N GLY A 183 -8.95 -12.81 7.84
CA GLY A 183 -10.40 -12.93 7.68
C GLY A 183 -10.93 -13.67 6.47
N THR A 184 -10.53 -13.24 5.26
CA THR A 184 -11.01 -13.90 4.05
C THR A 184 -10.07 -14.97 3.56
N GLY A 185 -8.88 -15.02 4.15
CA GLY A 185 -7.89 -15.99 3.76
C GLY A 185 -7.25 -15.72 2.39
N GLU A 186 -7.56 -14.58 1.76
CA GLU A 186 -7.03 -14.25 0.43
C GLU A 186 -5.58 -13.73 0.40
N HIS A 187 -5.08 -13.25 1.53
CA HIS A 187 -3.71 -12.81 1.60
C HIS A 187 -3.09 -13.66 2.71
N ALA A 188 -1.77 -13.57 2.87
CA ALA A 188 -1.05 -14.34 3.87
C ALA A 188 -1.27 -13.69 5.24
N PRO A 189 -1.23 -14.49 6.32
CA PRO A 189 -1.00 -15.94 6.36
C PRO A 189 -2.14 -16.83 5.84
N GLY A 190 -3.30 -16.25 5.55
CA GLY A 190 -4.41 -17.03 5.04
C GLY A 190 -5.43 -17.62 6.03
N HIS A 191 -5.65 -16.96 7.16
CA HIS A 191 -6.63 -17.45 8.12
C HIS A 191 -8.02 -16.96 7.74
N GLU A 192 -9.07 -17.64 8.22
CA GLU A 192 -10.44 -17.27 7.95
C GLU A 192 -11.14 -17.23 9.29
N ASN A 193 -10.86 -16.18 10.04
CA ASN A 193 -11.41 -16.00 11.36
C ASN A 193 -11.57 -14.51 11.63
N TRP A 194 -12.80 -14.04 11.63
CA TRP A 194 -13.06 -12.62 11.83
C TRP A 194 -12.62 -12.05 13.18
N ARG A 195 -12.52 -12.90 14.19
CA ARG A 195 -12.06 -12.43 15.49
C ARG A 195 -10.57 -12.12 15.41
N GLU A 196 -9.86 -12.84 14.56
CA GLU A 196 -8.42 -12.61 14.38
C GLU A 196 -8.17 -11.40 13.50
N ALA A 197 -8.94 -11.27 12.42
CA ALA A 197 -8.79 -10.15 11.52
C ALA A 197 -8.92 -8.83 12.25
N PHE A 198 -9.94 -8.70 13.11
CA PHE A 198 -10.14 -7.43 13.85
C PHE A 198 -9.09 -7.21 14.93
N THR A 199 -8.58 -8.30 15.53
CA THR A 199 -7.54 -8.20 16.55
C THR A 199 -6.27 -7.77 15.83
N ALA A 200 -6.06 -8.37 14.65
CA ALA A 200 -4.90 -8.06 13.85
C ALA A 200 -4.95 -6.61 13.33
N ALA A 201 -6.14 -6.14 12.98
CA ALA A 201 -6.27 -4.78 12.49
C ALA A 201 -5.95 -3.81 13.62
N HIS A 202 -6.29 -4.22 14.84
CA HIS A 202 -6.04 -3.40 16.02
C HIS A 202 -4.54 -3.30 16.32
N HIS A 203 -3.87 -4.45 16.32
CA HIS A 203 -2.43 -4.49 16.58
C HIS A 203 -1.56 -3.80 15.52
N ILE A 204 -1.95 -3.89 14.26
CA ILE A 204 -1.17 -3.26 13.19
C ILE A 204 -1.39 -1.76 13.26
N LEU A 205 -2.60 -1.36 13.61
CA LEU A 205 -2.91 0.05 13.72
C LEU A 205 -2.10 0.64 14.87
N MET A 206 -1.84 -0.16 15.90
CA MET A 206 -1.06 0.32 17.03
C MET A 206 0.41 0.49 16.60
N CYS A 207 0.91 -0.42 15.78
CA CYS A 207 2.29 -0.35 15.31
C CYS A 207 2.53 0.99 14.58
N HIS A 208 1.47 1.64 14.13
CA HIS A 208 1.63 2.94 13.50
C HIS A 208 1.94 3.92 14.61
N GLY A 209 1.24 3.77 15.73
CA GLY A 209 1.47 4.66 16.86
C GLY A 209 2.85 4.38 17.43
N ILE A 210 3.21 3.09 17.47
CA ILE A 210 4.49 2.68 17.99
C ILE A 210 5.63 3.38 17.31
N ALA A 211 5.58 3.37 15.97
CA ALA A 211 6.60 4.00 15.15
C ALA A 211 6.53 5.52 15.27
N SER A 212 5.32 6.06 15.42
CA SER A 212 5.15 7.49 15.58
C SER A 212 5.79 7.92 16.90
N ASN A 213 5.73 7.07 17.93
CA ASN A 213 6.35 7.41 19.22
C ASN A 213 7.86 7.35 19.12
N LEU A 214 8.36 6.22 18.60
CA LEU A 214 9.80 6.05 18.42
C LEU A 214 10.33 7.19 17.57
N HIS A 215 9.47 7.76 16.74
CA HIS A 215 9.84 8.87 15.87
C HIS A 215 10.08 10.14 16.67
N LYS A 216 9.16 10.46 17.57
CA LYS A 216 9.31 11.68 18.36
C LYS A 216 10.47 11.55 19.35
N GLU A 217 10.57 10.38 20.01
CA GLU A 217 11.63 10.14 20.98
C GLU A 217 13.02 10.24 20.37
N LYS A 218 13.19 9.77 19.14
CA LYS A 218 14.50 9.83 18.51
C LYS A 218 14.75 11.23 17.95
N GLY A 219 13.72 12.06 17.98
CA GLY A 219 13.85 13.42 17.47
C GLY A 219 14.16 13.50 15.99
N LEU A 220 13.61 12.59 15.19
CA LEU A 220 13.85 12.62 13.75
C LEU A 220 13.11 13.82 13.13
N THR A 221 13.64 14.33 12.02
CA THR A 221 13.03 15.49 11.35
C THR A 221 12.18 15.12 10.13
N GLY A 222 12.38 13.92 9.59
CA GLY A 222 11.60 13.48 8.43
C GLY A 222 10.13 13.34 8.75
N LYS A 223 9.28 13.56 7.74
CA LYS A 223 7.83 13.45 7.87
C LYS A 223 7.41 12.03 8.22
N ILE A 224 6.19 11.90 8.74
CA ILE A 224 5.71 10.57 9.08
C ILE A 224 4.22 10.44 8.89
N GLY A 225 3.81 9.31 8.34
CA GLY A 225 2.41 9.08 8.11
C GLY A 225 2.12 7.64 7.77
N ILE A 226 0.85 7.28 7.91
CA ILE A 226 0.42 5.92 7.62
C ILE A 226 -0.26 5.97 6.26
N THR A 227 -0.43 4.79 5.65
CA THR A 227 -1.08 4.67 4.36
C THR A 227 -2.31 3.77 4.39
N LEU A 228 -3.42 4.36 3.99
CA LEU A 228 -4.67 3.64 3.96
C LEU A 228 -5.14 3.51 2.53
N ASN A 229 -5.62 2.32 2.20
CA ASN A 229 -6.15 2.10 0.88
C ASN A 229 -7.62 2.47 1.10
N MET A 230 -8.14 3.43 0.35
CA MET A 230 -9.55 3.75 0.54
C MET A 230 -10.31 3.62 -0.76
N GLU A 231 -11.63 3.51 -0.65
CA GLU A 231 -12.44 3.41 -1.85
C GLU A 231 -13.77 4.11 -1.71
N HIS A 232 -14.15 4.78 -2.79
CA HIS A 232 -15.42 5.48 -2.79
C HIS A 232 -16.50 4.43 -3.01
N VAL A 233 -17.58 4.49 -2.24
CA VAL A 233 -18.65 3.50 -2.36
C VAL A 233 -19.98 4.06 -2.87
N ASP A 234 -20.59 3.37 -3.83
CA ASP A 234 -21.88 3.80 -4.35
C ASP A 234 -22.87 2.65 -4.13
N ALA A 235 -24.12 3.02 -3.86
CA ALA A 235 -25.19 2.06 -3.65
C ALA A 235 -25.59 1.60 -5.04
N ALA A 236 -25.99 0.33 -5.17
CA ALA A 236 -26.38 -0.20 -6.48
C ALA A 236 -27.70 0.42 -6.98
N SER A 237 -28.65 0.63 -6.07
CA SER A 237 -29.94 1.21 -6.43
C SER A 237 -30.35 2.12 -5.30
N GLU A 238 -31.59 2.61 -5.37
CA GLU A 238 -32.09 3.50 -4.33
C GLU A 238 -32.80 2.69 -3.24
N ARG A 239 -32.81 1.36 -3.37
CA ARG A 239 -33.47 0.54 -2.35
C ARG A 239 -32.79 0.75 -1.00
N PRO A 240 -33.58 0.90 0.06
CA PRO A 240 -33.07 1.10 1.43
C PRO A 240 -31.96 0.14 1.82
N GLU A 241 -32.18 -1.15 1.55
CA GLU A 241 -31.20 -2.17 1.91
C GLU A 241 -29.87 -2.01 1.17
N ASP A 242 -29.92 -1.51 -0.06
CA ASP A 242 -28.69 -1.29 -0.83
C ASP A 242 -27.93 -0.10 -0.28
N VAL A 243 -28.68 0.92 0.15
CA VAL A 243 -28.05 2.09 0.71
C VAL A 243 -27.36 1.68 2.02
N ALA A 244 -28.04 0.86 2.82
CA ALA A 244 -27.49 0.36 4.07
C ALA A 244 -26.26 -0.50 3.78
N ALA A 245 -26.34 -1.25 2.68
CA ALA A 245 -25.26 -2.12 2.27
C ALA A 245 -24.02 -1.29 1.94
N ALA A 246 -24.21 -0.20 1.22
CA ALA A 246 -23.10 0.67 0.85
C ALA A 246 -22.45 1.28 2.10
N ILE A 247 -23.27 1.70 3.06
CA ILE A 247 -22.78 2.29 4.31
C ILE A 247 -21.83 1.34 5.01
N ARG A 248 -22.27 0.08 5.11
CA ARG A 248 -21.48 -0.96 5.77
C ARG A 248 -20.16 -1.16 5.06
N ARG A 249 -20.21 -1.30 3.74
CA ARG A 249 -18.98 -1.49 2.98
C ARG A 249 -18.05 -0.31 3.27
N ASP A 250 -18.62 0.91 3.31
CA ASP A 250 -17.84 2.12 3.58
C ASP A 250 -17.10 2.05 4.90
N GLY A 251 -17.80 1.67 5.97
CA GLY A 251 -17.17 1.59 7.27
C GLY A 251 -16.16 0.45 7.40
N PHE A 252 -16.43 -0.60 6.63
CA PHE A 252 -15.64 -1.82 6.57
C PHE A 252 -14.22 -1.60 6.05
N ILE A 253 -14.08 -0.78 5.00
CA ILE A 253 -12.77 -0.50 4.43
C ILE A 253 -12.21 0.86 4.84
N ASN A 254 -13.05 1.89 4.80
CA ASN A 254 -12.62 3.24 5.12
C ASN A 254 -12.69 3.65 6.60
N ARG A 255 -13.90 3.79 7.14
CA ARG A 255 -14.11 4.23 8.52
C ARG A 255 -13.45 3.40 9.65
N TRP A 256 -13.41 2.08 9.50
CA TRP A 256 -12.81 1.25 10.54
C TRP A 256 -11.30 1.49 10.77
N PHE A 257 -10.64 2.12 9.80
CA PHE A 257 -9.21 2.43 9.91
C PHE A 257 -8.97 3.95 9.99
N ALA A 258 -9.83 4.72 9.34
CA ALA A 258 -9.72 6.18 9.35
C ALA A 258 -10.22 6.79 10.67
N GLU A 259 -11.29 6.22 11.23
CA GLU A 259 -11.90 6.70 12.49
C GLU A 259 -10.92 6.71 13.66
N PRO A 260 -10.20 5.59 13.90
CA PRO A 260 -9.23 5.51 15.01
C PRO A 260 -8.04 6.42 14.78
N LEU A 261 -7.63 6.53 13.52
CA LEU A 261 -6.51 7.38 13.15
C LEU A 261 -6.73 8.86 13.47
N PHE A 262 -7.90 9.41 13.13
CA PHE A 262 -8.20 10.83 13.39
C PHE A 262 -9.14 11.11 14.56
N ASN A 263 -9.93 10.11 14.96
CA ASN A 263 -10.90 10.31 16.04
C ASN A 263 -10.67 9.49 17.28
N GLY A 264 -9.71 8.59 17.24
CA GLY A 264 -9.46 7.77 18.40
C GLY A 264 -10.60 6.82 18.74
N LYS A 265 -11.34 6.35 17.74
CA LYS A 265 -12.44 5.42 17.99
C LYS A 265 -12.85 4.58 16.77
N TYR A 266 -13.50 3.45 17.03
CA TYR A 266 -13.98 2.60 15.95
C TYR A 266 -15.42 3.01 15.62
N PRO A 267 -15.84 2.86 14.35
CA PRO A 267 -17.20 3.20 13.90
C PRO A 267 -18.22 2.44 14.75
N GLU A 268 -19.10 3.15 15.45
CA GLU A 268 -20.10 2.53 16.32
C GLU A 268 -21.04 1.57 15.58
N ASP A 269 -21.50 1.99 14.40
CA ASP A 269 -22.39 1.15 13.62
C ASP A 269 -21.68 -0.16 13.27
N MET A 270 -20.42 -0.08 12.83
CA MET A 270 -19.68 -1.29 12.47
C MET A 270 -19.40 -2.18 13.68
N VAL A 271 -19.03 -1.56 14.80
CA VAL A 271 -18.76 -2.27 16.04
C VAL A 271 -19.98 -3.13 16.40
N GLU A 272 -21.17 -2.62 16.10
CA GLU A 272 -22.41 -3.35 16.39
C GLU A 272 -22.61 -4.47 15.39
N TRP A 273 -22.37 -4.18 14.13
CA TRP A 273 -22.55 -5.18 13.07
C TRP A 273 -21.62 -6.39 13.26
N TYR A 274 -20.45 -6.16 13.85
CA TYR A 274 -19.52 -7.27 14.08
C TYR A 274 -19.88 -8.02 15.37
N GLY A 275 -20.27 -7.25 16.39
CA GLY A 275 -20.68 -7.83 17.66
C GLY A 275 -19.83 -8.95 18.22
N THR A 276 -20.41 -10.15 18.26
CA THR A 276 -19.73 -11.34 18.78
C THR A 276 -18.26 -11.45 18.39
N TYR A 277 -17.96 -11.28 17.11
CA TYR A 277 -16.59 -11.34 16.60
C TYR A 277 -15.65 -10.33 17.27
N LEU A 278 -16.18 -9.21 17.74
CA LEU A 278 -15.34 -8.20 18.40
C LEU A 278 -15.03 -8.64 19.82
N ASN A 279 -15.75 -9.66 20.27
CA ASN A 279 -15.58 -10.21 21.60
C ASN A 279 -15.62 -9.10 22.66
N GLY A 280 -16.40 -8.06 22.37
CA GLY A 280 -16.53 -6.94 23.31
C GLY A 280 -15.33 -6.01 23.36
N LEU A 281 -14.58 -5.92 22.26
CA LEU A 281 -13.41 -5.05 22.18
C LEU A 281 -12.38 -5.39 23.26
N ASP A 282 -12.37 -6.65 23.67
CA ASP A 282 -11.47 -7.15 24.71
C ASP A 282 -10.00 -7.00 24.31
N PHE A 283 -9.73 -6.93 23.00
CA PHE A 283 -8.36 -6.78 22.51
C PHE A 283 -7.85 -5.35 22.67
N VAL A 284 -8.73 -4.44 23.07
CA VAL A 284 -8.39 -3.04 23.28
C VAL A 284 -8.01 -2.83 24.75
N GLN A 285 -6.78 -2.42 25.00
CA GLN A 285 -6.30 -2.17 26.35
C GLN A 285 -6.24 -0.66 26.54
N PRO A 286 -6.16 -0.19 27.80
CA PRO A 286 -6.09 1.24 28.11
C PRO A 286 -4.89 1.93 27.45
N GLY A 287 -5.15 3.02 26.74
CA GLY A 287 -4.07 3.74 26.08
C GLY A 287 -3.88 3.33 24.62
N ASP A 288 -4.52 2.24 24.20
CA ASP A 288 -4.40 1.76 22.82
C ASP A 288 -4.91 2.75 21.79
N MET A 289 -6.16 3.17 21.97
CA MET A 289 -6.77 4.11 21.04
C MET A 289 -6.00 5.42 20.99
N GLU A 290 -5.50 5.86 22.14
CA GLU A 290 -4.75 7.09 22.14
C GLU A 290 -3.48 6.87 21.33
N LEU A 291 -2.83 5.74 21.57
CA LEU A 291 -1.61 5.35 20.87
C LEU A 291 -1.79 5.39 19.34
N ILE A 292 -2.94 4.91 18.90
CA ILE A 292 -3.33 4.83 17.49
C ILE A 292 -3.73 6.17 16.86
N GLN A 293 -4.34 7.06 17.65
CA GLN A 293 -4.75 8.35 17.08
C GLN A 293 -3.61 9.35 16.93
N GLN A 294 -2.76 9.12 15.93
CA GLN A 294 -1.61 9.99 15.65
C GLN A 294 -1.45 10.22 14.15
N PRO A 295 -2.27 11.11 13.56
CA PRO A 295 -2.24 11.45 12.13
C PRO A 295 -0.85 11.66 11.55
N GLY A 296 0.04 12.30 12.30
CA GLY A 296 1.37 12.54 11.81
C GLY A 296 1.40 13.76 10.89
N ASP A 297 2.40 13.82 10.02
CA ASP A 297 2.58 14.93 9.09
C ASP A 297 1.83 14.80 7.77
N PHE A 298 1.25 13.64 7.52
CA PHE A 298 0.48 13.42 6.30
C PHE A 298 -0.30 12.12 6.31
N LEU A 299 -1.14 11.96 5.31
CA LEU A 299 -1.96 10.78 5.18
C LEU A 299 -1.76 10.22 3.79
N GLY A 300 -1.21 9.01 3.70
CA GLY A 300 -1.01 8.38 2.42
C GLY A 300 -2.28 7.65 2.03
N ILE A 301 -2.63 7.71 0.74
CA ILE A 301 -3.84 7.08 0.20
C ILE A 301 -3.51 6.23 -1.02
N ASN A 302 -4.19 5.08 -1.14
CA ASN A 302 -4.01 4.15 -2.26
C ASN A 302 -5.43 3.96 -2.84
N TYR A 303 -5.64 4.29 -4.11
CA TYR A 303 -6.96 4.15 -4.73
C TYR A 303 -6.83 3.54 -6.12
N TYR A 304 -7.84 2.76 -6.51
CA TYR A 304 -7.87 2.13 -7.84
C TYR A 304 -9.22 2.25 -8.50
N THR A 305 -10.28 1.92 -7.75
CA THR A 305 -11.64 1.97 -8.30
C THR A 305 -12.74 2.04 -7.23
N ARG A 306 -13.91 2.50 -7.64
CA ARG A 306 -15.05 2.59 -6.73
C ARG A 306 -15.72 1.23 -6.64
N SER A 307 -16.64 1.07 -5.70
CA SER A 307 -17.38 -0.18 -5.58
C SER A 307 -18.86 0.15 -5.65
N ILE A 308 -19.62 -0.71 -6.33
CA ILE A 308 -21.06 -0.56 -6.44
C ILE A 308 -21.57 -1.66 -5.55
N ILE A 309 -22.37 -1.30 -4.55
CA ILE A 309 -22.87 -2.26 -3.58
C ILE A 309 -24.38 -2.48 -3.51
N ARG A 310 -24.75 -3.75 -3.35
CA ARG A 310 -26.15 -4.17 -3.21
C ARG A 310 -26.19 -5.03 -1.97
N SER A 311 -27.39 -5.28 -1.47
CA SER A 311 -27.54 -6.09 -0.28
C SER A 311 -27.86 -7.53 -0.62
N THR A 312 -27.45 -8.42 0.29
CA THR A 312 -27.73 -9.84 0.18
C THR A 312 -28.00 -10.31 1.60
N ASN A 313 -28.47 -11.54 1.76
CA ASN A 313 -28.74 -12.05 3.10
C ASN A 313 -28.02 -13.38 3.26
N ASP A 314 -26.77 -13.39 2.80
CA ASP A 314 -25.94 -14.58 2.84
C ASP A 314 -25.20 -14.80 4.15
N ALA A 315 -24.27 -15.74 4.10
CA ALA A 315 -23.46 -16.10 5.25
C ALA A 315 -22.16 -15.31 5.35
N SER A 316 -22.08 -14.13 4.73
CA SER A 316 -20.84 -13.39 4.84
C SER A 316 -20.86 -12.36 5.98
N LEU A 317 -19.70 -11.95 6.43
CA LEU A 317 -19.60 -10.99 7.52
C LEU A 317 -20.47 -9.76 7.23
N LEU A 318 -20.21 -9.10 6.11
CA LEU A 318 -20.96 -7.90 5.74
C LEU A 318 -22.34 -8.09 5.13
N GLN A 319 -22.52 -9.19 4.42
CA GLN A 319 -23.77 -9.49 3.74
C GLN A 319 -24.00 -8.42 2.70
N VAL A 320 -22.95 -8.17 1.92
CA VAL A 320 -22.98 -7.18 0.88
C VAL A 320 -22.46 -7.81 -0.40
N GLU A 321 -22.97 -7.33 -1.52
CA GLU A 321 -22.54 -7.86 -2.80
C GLU A 321 -21.97 -6.72 -3.63
N GLN A 322 -20.88 -7.02 -4.34
CA GLN A 322 -20.20 -6.04 -5.16
C GLN A 322 -20.57 -6.17 -6.63
N VAL A 323 -21.40 -5.27 -7.12
CA VAL A 323 -21.80 -5.32 -8.51
C VAL A 323 -20.56 -5.16 -9.38
N HIS A 324 -20.32 -6.14 -10.24
CA HIS A 324 -19.14 -6.12 -11.11
C HIS A 324 -19.35 -5.32 -12.39
N MET A 325 -19.00 -4.04 -12.32
CA MET A 325 -19.12 -3.17 -13.46
C MET A 325 -18.20 -3.69 -14.57
N GLU A 326 -18.78 -4.08 -15.69
CA GLU A 326 -17.99 -4.59 -16.80
C GLU A 326 -17.49 -3.46 -17.69
N GLU A 327 -18.17 -2.31 -17.64
CA GLU A 327 -17.74 -1.18 -18.46
C GLU A 327 -16.29 -0.87 -18.12
N PRO A 328 -15.57 -0.17 -19.00
CA PRO A 328 -14.17 0.20 -18.81
C PRO A 328 -13.47 -0.30 -17.54
N VAL A 329 -12.83 -1.46 -17.68
CA VAL A 329 -12.12 -2.07 -16.57
C VAL A 329 -10.69 -2.42 -16.99
N THR A 330 -9.81 -2.58 -16.00
CA THR A 330 -8.42 -2.93 -16.25
C THR A 330 -8.35 -4.44 -16.54
N ASP A 331 -7.14 -4.96 -16.73
CA ASP A 331 -6.91 -6.38 -17.00
C ASP A 331 -7.23 -7.16 -15.74
N MET A 332 -7.56 -6.45 -14.67
CA MET A 332 -7.88 -7.12 -13.42
C MET A 332 -9.38 -7.10 -13.16
N GLY A 333 -10.11 -6.49 -14.08
CA GLY A 333 -11.55 -6.41 -13.93
C GLY A 333 -11.98 -5.26 -13.05
N TRP A 334 -11.08 -4.30 -12.82
CA TRP A 334 -11.43 -3.15 -11.99
C TRP A 334 -11.98 -2.00 -12.84
N GLU A 335 -13.14 -1.47 -12.48
CA GLU A 335 -13.74 -0.38 -13.22
C GLU A 335 -12.84 0.86 -13.24
N ILE A 336 -12.91 1.62 -14.32
CA ILE A 336 -12.11 2.85 -14.46
C ILE A 336 -13.03 4.07 -14.28
N HIS A 337 -13.21 4.51 -13.04
CA HIS A 337 -14.08 5.65 -12.75
C HIS A 337 -13.31 6.77 -12.04
N PRO A 338 -12.50 7.54 -12.78
CA PRO A 338 -11.73 8.64 -12.19
C PRO A 338 -12.54 9.66 -11.40
N GLU A 339 -13.83 9.78 -11.71
CA GLU A 339 -14.71 10.70 -10.99
C GLU A 339 -14.72 10.33 -9.52
N SER A 340 -14.77 9.04 -9.24
CA SER A 340 -14.81 8.55 -7.86
C SER A 340 -13.57 8.93 -7.04
N PHE A 341 -12.43 9.07 -7.72
CA PHE A 341 -11.18 9.45 -7.08
C PHE A 341 -11.30 10.88 -6.55
N TYR A 342 -11.81 11.78 -7.38
CA TYR A 342 -11.99 13.18 -6.98
C TYR A 342 -12.97 13.23 -5.80
N LYS A 343 -14.01 12.41 -5.91
CA LYS A 343 -15.08 12.24 -4.92
C LYS A 343 -14.58 11.70 -3.58
N LEU A 344 -13.68 10.70 -3.64
CA LEU A 344 -13.11 10.10 -2.43
C LEU A 344 -12.17 11.07 -1.76
N LEU A 345 -11.35 11.75 -2.56
CA LEU A 345 -10.38 12.70 -2.04
C LEU A 345 -11.10 13.83 -1.31
N THR A 346 -12.20 14.30 -1.89
CA THR A 346 -13.03 15.36 -1.30
C THR A 346 -13.56 14.90 0.06
N ARG A 347 -14.07 13.66 0.12
CA ARG A 347 -14.62 13.10 1.35
C ARG A 347 -13.55 12.89 2.40
N ILE A 348 -12.32 12.60 1.95
CA ILE A 348 -11.21 12.38 2.88
C ILE A 348 -10.83 13.70 3.53
N GLU A 349 -10.80 14.78 2.76
CA GLU A 349 -10.43 16.08 3.31
C GLU A 349 -11.53 16.49 4.31
N LYS A 350 -12.78 16.46 3.85
CA LYS A 350 -13.95 16.82 4.65
C LYS A 350 -13.94 16.17 6.02
N ASP A 351 -13.72 14.86 6.08
CA ASP A 351 -13.66 14.20 7.37
C ASP A 351 -12.22 13.73 7.53
N PHE A 352 -11.84 13.28 8.71
CA PHE A 352 -10.48 12.80 8.93
C PHE A 352 -9.35 13.81 8.73
N SER A 353 -8.95 14.04 7.48
CA SER A 353 -7.84 14.95 7.20
C SER A 353 -8.16 16.44 7.21
N LYS A 354 -9.43 16.77 7.44
CA LYS A 354 -9.87 18.16 7.52
C LYS A 354 -8.95 18.99 8.40
N GLY A 355 -7.09 19.78 5.78
CA GLY A 355 -5.95 20.41 6.42
C GLY A 355 -4.67 19.59 6.25
N LEU A 356 -4.57 18.48 6.96
CA LEU A 356 -3.39 17.63 6.88
C LEU A 356 -3.05 17.27 5.43
N PRO A 357 -1.76 17.39 5.06
CA PRO A 357 -1.32 17.07 3.70
C PRO A 357 -1.69 15.65 3.27
N ILE A 358 -2.16 15.52 2.04
CA ILE A 358 -2.55 14.22 1.48
C ILE A 358 -1.54 13.81 0.43
N LEU A 359 -1.04 12.59 0.55
CA LEU A 359 -0.07 12.07 -0.42
C LEU A 359 -0.65 10.80 -1.00
N ILE A 360 -0.69 10.74 -2.32
CA ILE A 360 -1.18 9.57 -3.02
C ILE A 360 0.02 8.66 -3.19
N THR A 361 0.13 7.67 -2.31
CA THR A 361 1.25 6.73 -2.33
C THR A 361 1.07 5.56 -3.30
N GLU A 362 -0.13 5.42 -3.87
CA GLU A 362 -0.37 4.37 -4.86
C GLU A 362 -1.58 4.56 -5.80
N ASN A 363 -1.27 4.67 -7.08
CA ASN A 363 -2.29 4.82 -8.12
C ASN A 363 -1.75 4.31 -9.48
N GLY A 364 -2.53 3.46 -10.15
CA GLY A 364 -2.12 2.92 -11.42
C GLY A 364 -3.08 1.86 -11.98
N ALA A 365 -2.65 1.07 -12.97
CA ALA A 365 -3.50 0.03 -13.55
C ALA A 365 -2.74 -1.10 -14.26
N ALA A 366 -3.36 -2.28 -14.29
CA ALA A 366 -2.77 -3.44 -14.95
C ALA A 366 -3.54 -3.70 -16.25
N MET A 367 -2.82 -3.74 -17.37
CA MET A 367 -3.40 -4.00 -18.66
C MET A 367 -2.55 -5.09 -19.33
N ARG A 368 -2.98 -5.56 -20.49
CA ARG A 368 -2.21 -6.56 -21.20
C ARG A 368 -1.14 -5.77 -21.96
N ASP A 369 0.10 -6.20 -21.85
CA ASP A 369 1.21 -5.53 -22.52
C ASP A 369 1.78 -6.39 -23.63
N GLU A 370 2.12 -5.75 -24.73
CA GLU A 370 2.71 -6.43 -25.87
C GLU A 370 3.90 -5.60 -26.35
N LEU A 371 4.93 -6.27 -26.83
CA LEU A 371 6.11 -5.57 -27.33
C LEU A 371 6.06 -5.40 -28.83
N VAL A 372 6.22 -4.16 -29.25
CA VAL A 372 6.20 -3.82 -30.67
C VAL A 372 7.55 -3.16 -30.95
N ASN A 373 8.52 -4.00 -31.32
CA ASN A 373 9.83 -3.48 -31.63
C ASN A 373 10.40 -2.64 -30.53
N GLY A 374 10.78 -3.29 -29.44
CA GLY A 374 11.38 -2.60 -28.32
C GLY A 374 10.54 -1.57 -27.58
N GLN A 375 9.27 -1.41 -27.92
CA GLN A 375 8.46 -0.45 -27.21
C GLN A 375 7.09 -1.02 -26.87
N ILE A 376 6.53 -0.59 -25.74
CA ILE A 376 5.21 -1.06 -25.34
C ILE A 376 4.19 0.10 -25.40
N GLU A 377 3.24 0.00 -26.33
CA GLU A 377 2.23 1.05 -26.47
C GLU A 377 1.07 0.81 -25.51
N ASP A 378 1.34 1.01 -24.22
CA ASP A 378 0.33 0.82 -23.18
C ASP A 378 -0.53 2.07 -23.06
N THR A 379 -1.19 2.39 -24.18
CA THR A 379 -2.08 3.53 -24.29
C THR A 379 -3.13 3.44 -23.19
N GLY A 380 -3.59 2.21 -22.93
CA GLY A 380 -4.57 1.98 -21.89
C GLY A 380 -4.12 2.46 -20.52
N ARG A 381 -2.98 1.94 -20.03
CA ARG A 381 -2.44 2.32 -18.71
C ARG A 381 -2.24 3.83 -18.69
N HIS A 382 -1.70 4.33 -19.79
CA HIS A 382 -1.43 5.74 -19.96
C HIS A 382 -2.68 6.57 -19.73
N GLY A 383 -3.75 6.24 -20.46
CA GLY A 383 -5.00 6.98 -20.33
C GLY A 383 -5.52 6.96 -18.91
N TYR A 384 -5.22 5.87 -18.20
CA TYR A 384 -5.66 5.71 -16.82
C TYR A 384 -4.99 6.66 -15.84
N ILE A 385 -3.67 6.80 -15.97
CA ILE A 385 -2.93 7.69 -15.11
C ILE A 385 -3.38 9.14 -15.34
N GLU A 386 -3.39 9.54 -16.61
CA GLU A 386 -3.79 10.90 -16.99
C GLU A 386 -5.17 11.27 -16.48
N GLU A 387 -6.14 10.41 -16.77
CA GLU A 387 -7.50 10.68 -16.35
C GLU A 387 -7.61 10.81 -14.84
N HIS A 388 -6.93 9.93 -14.10
CA HIS A 388 -6.97 9.99 -12.65
C HIS A 388 -6.19 11.21 -12.17
N LEU A 389 -5.22 11.67 -12.95
CA LEU A 389 -4.47 12.86 -12.56
C LEU A 389 -5.36 14.08 -12.73
N LYS A 390 -6.31 14.03 -13.65
CA LYS A 390 -7.23 15.14 -13.85
C LYS A 390 -8.11 15.27 -12.60
N ALA A 391 -8.41 14.14 -11.96
CA ALA A 391 -9.22 14.13 -10.75
C ALA A 391 -8.43 14.78 -9.61
N CYS A 392 -7.15 14.41 -9.51
CA CYS A 392 -6.30 14.98 -8.47
C CYS A 392 -6.19 16.50 -8.71
N HIS A 393 -6.14 16.89 -9.98
CA HIS A 393 -6.04 18.30 -10.35
C HIS A 393 -7.29 19.07 -9.97
N ARG A 394 -8.45 18.47 -10.21
CA ARG A 394 -9.70 19.12 -9.87
C ARG A 394 -9.82 19.25 -8.34
N PHE A 395 -9.24 18.29 -7.61
CA PHE A 395 -9.27 18.32 -6.13
C PHE A 395 -8.41 19.52 -5.74
N ILE A 396 -7.24 19.62 -6.36
CA ILE A 396 -6.36 20.76 -6.14
C ILE A 396 -7.16 21.79 -6.94
N GLU A 397 -6.76 23.05 -6.91
CA GLU A 397 -7.50 24.07 -7.64
C GLU A 397 -8.83 24.35 -6.95
N GLU A 398 -9.36 23.32 -6.30
CA GLU A 398 -10.62 23.48 -5.59
C GLU A 398 -10.36 23.56 -4.09
N GLY A 399 -9.09 23.66 -3.74
CA GLY A 399 -8.72 23.75 -2.34
C GLY A 399 -8.21 22.45 -1.76
N GLY A 400 -7.98 21.45 -2.61
CA GLY A 400 -7.49 20.16 -2.14
C GLY A 400 -6.05 20.16 -1.66
N GLN A 401 -5.79 19.55 -0.50
CA GLN A 401 -4.43 19.51 0.05
C GLN A 401 -3.55 18.34 -0.42
N LEU A 402 -3.67 17.97 -1.68
CA LEU A 402 -2.88 16.89 -2.26
C LEU A 402 -1.51 17.46 -2.62
N LYS A 403 -0.47 16.95 -1.96
CA LYS A 403 0.90 17.42 -2.16
C LYS A 403 1.83 16.44 -2.91
N GLY A 404 1.31 15.28 -3.29
CA GLY A 404 2.14 14.32 -3.99
C GLY A 404 1.39 13.18 -4.66
N TYR A 405 2.08 12.48 -5.55
CA TYR A 405 1.50 11.37 -6.28
C TYR A 405 2.59 10.37 -6.73
N PHE A 406 2.48 9.14 -6.25
CA PHE A 406 3.44 8.08 -6.60
C PHE A 406 2.75 6.98 -7.43
N VAL A 407 3.05 6.95 -8.73
CA VAL A 407 2.46 5.97 -9.64
C VAL A 407 2.83 4.57 -9.16
N TRP A 408 1.82 3.72 -8.98
CA TRP A 408 2.12 2.39 -8.50
C TRP A 408 2.83 1.50 -9.49
N SER A 409 3.92 0.93 -8.98
CA SER A 409 4.78 0.02 -9.69
C SER A 409 5.61 0.72 -10.72
N PHE A 410 6.90 0.83 -10.39
CA PHE A 410 7.86 1.42 -11.28
C PHE A 410 8.11 0.31 -12.31
N LEU A 411 8.08 -0.94 -11.81
CA LEU A 411 8.30 -2.14 -12.61
C LEU A 411 7.20 -3.17 -12.37
N ASP A 412 6.96 -4.03 -13.37
CA ASP A 412 5.98 -5.13 -13.26
C ASP A 412 6.46 -5.98 -12.07
N ASN A 413 5.57 -6.53 -11.26
CA ASN A 413 6.05 -7.31 -10.13
C ASN A 413 5.09 -8.37 -9.65
N PHE A 414 5.38 -8.98 -8.50
CA PHE A 414 4.50 -10.01 -7.95
C PHE A 414 3.22 -9.33 -7.47
N GLU A 415 2.13 -9.53 -8.21
CA GLU A 415 0.85 -8.92 -7.85
C GLU A 415 0.07 -9.84 -6.94
N TRP A 416 0.68 -10.11 -5.79
CA TRP A 416 0.10 -10.94 -4.73
C TRP A 416 -0.65 -12.20 -5.17
N ALA A 417 -1.94 -12.30 -4.86
CA ALA A 417 -2.72 -13.48 -5.22
C ALA A 417 -2.87 -13.64 -6.73
N TRP A 418 -2.62 -12.55 -7.47
CA TRP A 418 -2.70 -12.58 -8.92
C TRP A 418 -1.36 -13.04 -9.51
N GLY A 419 -0.34 -13.09 -8.66
CA GLY A 419 0.97 -13.51 -9.15
C GLY A 419 1.55 -12.53 -10.15
N TYR A 420 2.23 -13.07 -11.14
CA TYR A 420 2.86 -12.25 -12.17
C TYR A 420 1.96 -11.92 -13.34
N SER A 421 0.79 -12.58 -13.38
CA SER A 421 -0.15 -12.39 -14.48
C SER A 421 -0.62 -10.96 -14.64
N LYS A 422 -0.50 -10.17 -13.58
CA LYS A 422 -0.94 -8.79 -13.66
C LYS A 422 0.25 -7.83 -13.58
N ARG A 423 0.37 -6.96 -14.59
CA ARG A 423 1.50 -6.02 -14.65
C ARG A 423 1.07 -4.58 -14.41
N PHE A 424 1.58 -3.98 -13.34
CA PHE A 424 1.22 -2.59 -13.02
C PHE A 424 2.35 -1.64 -13.38
N GLY A 425 3.45 -2.21 -13.84
CA GLY A 425 4.61 -1.39 -14.17
C GLY A 425 4.46 -0.38 -15.28
N ILE A 426 5.25 0.69 -15.20
CA ILE A 426 5.23 1.64 -16.30
C ILE A 426 6.48 1.25 -17.08
N VAL A 427 7.31 0.42 -16.44
CA VAL A 427 8.56 -0.10 -17.02
C VAL A 427 8.41 -1.62 -17.20
N HIS A 428 8.52 -2.11 -18.44
CA HIS A 428 8.34 -3.54 -18.65
C HIS A 428 9.44 -4.45 -18.12
N ILE A 429 9.03 -5.54 -17.50
CA ILE A 429 10.00 -6.51 -17.01
C ILE A 429 9.87 -7.78 -17.86
N ASN A 430 10.99 -8.28 -18.37
CA ASN A 430 11.02 -9.51 -19.16
C ASN A 430 11.56 -10.54 -18.15
N TYR A 431 10.67 -11.34 -17.56
CA TYR A 431 11.08 -12.31 -16.55
C TYR A 431 11.97 -13.45 -17.07
N GLU A 432 12.11 -13.59 -18.38
CA GLU A 432 12.97 -14.65 -18.88
C GLU A 432 14.41 -14.15 -18.87
N THR A 433 14.57 -12.83 -18.93
CA THR A 433 15.89 -12.23 -18.97
C THR A 433 16.12 -11.15 -17.94
N GLN A 434 15.06 -10.79 -17.22
CA GLN A 434 15.14 -9.76 -16.19
C GLN A 434 15.49 -8.37 -16.75
N GLU A 435 15.60 -8.21 -18.06
CA GLU A 435 15.93 -6.89 -18.60
C GLU A 435 14.76 -5.90 -18.53
N ARG A 436 15.08 -4.64 -18.25
CA ARG A 436 14.09 -3.57 -18.15
C ARG A 436 13.91 -2.86 -19.50
N THR A 437 12.68 -2.42 -19.77
CA THR A 437 12.32 -1.71 -20.98
C THR A 437 11.15 -0.78 -20.63
N PRO A 438 11.36 0.55 -20.64
CA PRO A 438 10.29 1.52 -20.32
C PRO A 438 9.11 1.45 -21.28
N LYS A 439 7.89 1.60 -20.74
CA LYS A 439 6.70 1.56 -21.58
C LYS A 439 6.40 2.99 -22.04
N GLN A 440 5.60 3.14 -23.09
CA GLN A 440 5.27 4.48 -23.56
C GLN A 440 4.73 5.30 -22.41
N SER A 441 3.84 4.71 -21.62
CA SER A 441 3.28 5.44 -20.48
C SER A 441 4.40 6.02 -19.61
N ALA A 442 5.51 5.30 -19.49
CA ALA A 442 6.65 5.77 -18.68
C ALA A 442 7.28 7.02 -19.30
N LEU A 443 7.34 7.03 -20.63
CA LEU A 443 7.91 8.15 -21.37
C LEU A 443 6.99 9.35 -21.25
N TRP A 444 5.69 9.06 -21.22
CA TRP A 444 4.67 10.09 -21.10
C TRP A 444 4.78 10.76 -19.73
N PHE A 445 5.07 9.95 -18.71
CA PHE A 445 5.20 10.47 -17.36
C PHE A 445 6.42 11.38 -17.25
N LYS A 446 7.52 10.97 -17.86
CA LYS A 446 8.74 11.76 -17.83
C LYS A 446 8.52 13.15 -18.45
N GLN A 447 7.82 13.18 -19.58
CA GLN A 447 7.54 14.45 -20.26
C GLN A 447 6.63 15.27 -19.37
N MET A 448 5.59 14.63 -18.85
CA MET A 448 4.64 15.29 -17.99
C MET A 448 5.31 15.96 -16.80
N MET A 449 6.09 15.20 -16.03
CA MET A 449 6.77 15.77 -14.87
C MET A 449 7.67 16.94 -15.29
N ALA A 450 8.11 16.93 -16.55
CA ALA A 450 8.96 17.99 -17.06
C ALA A 450 8.21 19.32 -17.04
N LYS A 451 7.12 19.38 -17.81
CA LYS A 451 6.30 20.57 -17.90
C LYS A 451 5.46 20.70 -16.63
N ASN A 452 5.53 19.65 -15.81
CA ASN A 452 4.79 19.57 -14.55
C ASN A 452 3.29 19.66 -14.78
N GLY A 453 2.85 19.12 -15.90
CA GLY A 453 1.44 19.17 -16.21
C GLY A 453 1.09 18.50 -17.52
N PHE A 454 -0.12 18.77 -18.00
CA PHE A 454 -0.62 18.20 -19.24
C PHE A 454 -2.00 18.77 -19.53
C1 G2F B . -1.56 -1.08 -3.81
C2 G2F B . -0.59 -1.94 -2.92
C3 G2F B . 0.37 -2.72 -3.84
C4 G2F B . -0.37 -3.57 -4.91
C5 G2F B . -1.41 -2.65 -5.64
C6 G2F B . -2.34 -3.33 -6.64
O3 G2F B . 1.15 -3.56 -3.02
O4 G2F B . 0.57 -4.20 -5.79
O5 G2F B . -2.25 -1.99 -4.67
O6 G2F B . -3.03 -4.44 -6.04
F2 G2F B . 0.13 -1.16 -1.90
#